data_2VT3
#
_entry.id   2VT3
#
_cell.length_a   128.460
_cell.length_b   53.520
_cell.length_c   86.240
_cell.angle_alpha   90.00
_cell.angle_beta   125.80
_cell.angle_gamma   90.00
#
_symmetry.space_group_name_H-M   'C 1 2 1'
#
loop_
_entity.id
_entity.type
_entity.pdbx_description
1 polymer 'REDOX-SENSING TRANSCRIPTIONAL REPRESSOR REX'
2 non-polymer "ADENOSINE-5'-TRIPHOSPHATE"
3 water water
#
_entity_poly.entity_id   1
_entity_poly.type   'polypeptide(L)'
_entity_poly.pdbx_seq_one_letter_code
;MNKDQSKIPQATAKRLPLYYRFLKNLHASGKQRVSSAELSDAVKVDSATIRRDFSYFGALGKKGYGYNVDYLLSFFRKTL
DQDEMTDVILIGVGNLGTAFLHYNFTKNNNTKISMAFDINESKIGTEVGGVPVYNLDDLEQHVKDESVAILTVPAVAAQS
ITDRLVALGIKGILNFTPARLNVPEHIRIHHIDLAVELQSLVYFLKHYSVLEEIE
;
_entity_poly.pdbx_strand_id   A,B
#
# COMPACT_ATOMS: atom_id res chain seq x y z
N ALA A 11 23.70 6.85 29.65
CA ALA A 11 22.54 7.09 30.53
C ALA A 11 22.01 8.48 30.27
N THR A 12 22.92 9.42 30.03
CA THR A 12 22.53 10.78 29.66
C THR A 12 21.65 10.83 28.41
N ALA A 13 21.94 9.98 27.44
CA ALA A 13 21.14 9.93 26.20
C ALA A 13 19.81 9.17 26.39
N LYS A 14 19.69 8.42 27.47
CA LYS A 14 18.39 7.84 27.83
C LYS A 14 17.49 8.83 28.59
N ARG A 15 18.11 9.82 29.23
CA ARG A 15 17.36 10.89 29.92
C ARG A 15 16.97 12.02 28.98
N LEU A 16 17.81 12.31 27.98
CA LEU A 16 17.56 13.36 26.99
C LEU A 16 16.15 13.32 26.35
N PRO A 17 15.69 12.14 25.90
CA PRO A 17 14.29 12.00 25.43
C PRO A 17 13.22 12.44 26.43
N LEU A 18 13.39 12.11 27.72
CA LEU A 18 12.43 12.53 28.75
C LEU A 18 12.31 14.07 28.77
N TYR A 19 13.48 14.74 28.75
CA TYR A 19 13.54 16.21 28.71
C TYR A 19 12.92 16.79 27.47
N TYR A 20 13.24 16.18 26.33
CA TYR A 20 12.78 16.62 25.00
C TYR A 20 11.25 16.60 24.91
N ARG A 21 10.69 15.46 25.28
CA ARG A 21 9.25 15.32 25.41
C ARG A 21 8.60 16.42 26.26
N PHE A 22 9.12 16.67 27.46
CA PHE A 22 8.50 17.65 28.34
C PHE A 22 8.63 19.06 27.83
N LEU A 23 9.82 19.41 27.33
CA LEU A 23 10.08 20.76 26.86
C LEU A 23 9.28 21.07 25.59
N LYS A 24 9.12 20.08 24.71
CA LYS A 24 8.20 20.20 23.56
C LYS A 24 6.84 20.70 24.06
N ASN A 25 6.31 20.04 25.07
CA ASN A 25 5.04 20.44 25.69
C ASN A 25 5.08 21.84 26.27
N LEU A 26 6.17 22.14 26.97
CA LEU A 26 6.39 23.47 27.55
C LEU A 26 6.39 24.57 26.49
N HIS A 27 7.16 24.34 25.41
CA HIS A 27 7.28 25.27 24.29
C HIS A 27 5.94 25.54 23.65
N ALA A 28 5.13 24.47 23.55
CA ALA A 28 3.77 24.55 23.03
C ALA A 28 2.86 25.46 23.84
N SER A 29 3.12 25.58 25.15
CA SER A 29 2.30 26.44 26.01
C SER A 29 2.91 27.83 26.26
N GLY A 30 3.94 28.20 25.47
CA GLY A 30 4.48 29.56 25.47
C GLY A 30 5.69 29.85 26.37
N LYS A 31 6.03 28.94 27.26
CA LYS A 31 7.09 29.18 28.27
C LYS A 31 8.53 29.20 27.75
N GLN A 32 9.15 30.37 27.80
CA GLN A 32 10.51 30.61 27.31
C GLN A 32 11.63 30.12 28.25
N ARG A 33 11.29 29.85 29.52
CA ARG A 33 12.27 29.41 30.53
C ARG A 33 11.75 28.27 31.40
N VAL A 34 12.68 27.49 31.94
CA VAL A 34 12.34 26.33 32.78
C VAL A 34 13.43 26.13 33.86
N SER A 35 13.00 25.84 35.08
CA SER A 35 13.93 25.60 36.19
C SER A 35 14.26 24.11 36.29
N SER A 36 15.32 23.77 37.02
CA SER A 36 15.69 22.37 37.22
C SER A 36 14.69 21.65 38.14
N ALA A 37 14.04 22.42 39.03
CA ALA A 37 12.97 21.90 39.89
C ALA A 37 11.66 21.64 39.12
N GLU A 38 11.24 22.57 38.27
CA GLU A 38 10.13 22.32 37.35
C GLU A 38 10.33 21.02 36.56
N LEU A 39 11.49 20.89 35.90
CA LEU A 39 11.78 19.68 35.11
C LEU A 39 11.76 18.41 35.99
N SER A 40 12.47 18.43 37.12
CA SER A 40 12.49 17.30 38.07
C SER A 40 11.10 16.80 38.44
N ASP A 41 10.23 17.73 38.80
CA ASP A 41 8.85 17.40 39.14
C ASP A 41 8.11 16.82 37.95
N ALA A 42 8.35 17.39 36.77
CA ALA A 42 7.66 16.93 35.57
C ALA A 42 8.12 15.54 35.11
N VAL A 43 9.42 15.27 35.16
CA VAL A 43 10.00 14.02 34.61
C VAL A 43 10.61 13.02 35.61
N LYS A 44 10.65 13.37 36.89
CA LYS A 44 11.12 12.49 37.98
C LYS A 44 12.61 12.08 37.86
N VAL A 45 13.42 13.01 37.39
CA VAL A 45 14.87 12.91 37.45
C VAL A 45 15.24 13.97 38.47
N ASP A 46 16.12 13.67 39.42
CA ASP A 46 16.44 14.67 40.44
C ASP A 46 17.11 15.93 39.86
N SER A 47 16.74 17.07 40.46
CA SER A 47 17.37 18.39 40.30
C SER A 47 18.85 18.36 39.88
N ALA A 48 19.67 17.70 40.70
CA ALA A 48 21.11 17.70 40.55
C ALA A 48 21.58 17.02 39.26
N THR A 49 20.97 15.90 38.91
CA THR A 49 21.28 15.22 37.64
C THR A 49 20.91 16.05 36.42
N ILE A 50 19.76 16.73 36.49
CA ILE A 50 19.32 17.68 35.45
C ILE A 50 20.35 18.79 35.22
N ARG A 51 20.78 19.45 36.31
CA ARG A 51 21.73 20.56 36.27
C ARG A 51 23.08 20.11 35.69
N ARG A 52 23.48 18.90 36.07
CA ARG A 52 24.70 18.29 35.57
C ARG A 52 24.59 18.01 34.07
N ASP A 53 23.50 17.35 33.65
CA ASP A 53 23.21 17.13 32.22
C ASP A 53 23.19 18.42 31.41
N PHE A 54 22.56 19.45 31.96
CA PHE A 54 22.37 20.73 31.25
C PHE A 54 23.69 21.50 31.09
N SER A 55 24.60 21.33 32.06
CA SER A 55 25.99 21.81 31.93
C SER A 55 26.69 21.10 30.76
N TYR A 56 26.50 19.79 30.66
CA TYR A 56 27.12 18.97 29.62
C TYR A 56 26.56 19.31 28.23
N PHE A 57 25.29 19.73 28.20
CA PHE A 57 24.63 20.18 26.98
C PHE A 57 24.98 21.64 26.64
N GLY A 58 25.70 22.33 27.53
CA GLY A 58 26.10 23.72 27.30
C GLY A 58 24.99 24.74 27.56
N ALA A 59 24.03 24.37 28.39
CA ALA A 59 22.95 25.29 28.74
C ALA A 59 23.32 25.93 30.06
N LEU A 60 23.53 27.24 30.07
CA LEU A 60 24.12 27.95 31.21
C LEU A 60 23.08 28.45 32.23
N GLY A 66 16.22 29.44 35.88
CA GLY A 66 16.01 29.75 34.48
C GLY A 66 16.99 29.06 33.54
N TYR A 67 16.49 28.17 32.69
CA TYR A 67 17.26 27.70 31.56
C TYR A 67 16.47 28.08 30.33
N ASN A 68 17.15 28.26 29.21
CA ASN A 68 16.48 28.63 27.97
C ASN A 68 15.88 27.37 27.32
N VAL A 69 14.55 27.33 27.31
CA VAL A 69 13.80 26.23 26.74
C VAL A 69 14.17 25.98 25.27
N ASP A 70 14.24 27.01 24.44
CA ASP A 70 14.54 26.86 23.01
C ASP A 70 15.98 26.42 22.78
N TYR A 71 16.91 26.89 23.62
CA TYR A 71 18.30 26.40 23.53
C TYR A 71 18.31 24.89 23.66
N LEU A 72 17.68 24.38 24.73
CA LEU A 72 17.66 22.94 24.98
C LEU A 72 16.97 22.13 23.91
N LEU A 73 15.80 22.58 23.45
CA LEU A 73 15.03 21.87 22.40
C LEU A 73 15.81 21.77 21.12
N SER A 74 16.48 22.87 20.77
CA SER A 74 17.32 22.92 19.57
C SER A 74 18.54 21.98 19.71
N PHE A 75 19.17 22.02 20.88
CA PHE A 75 20.22 21.06 21.25
C PHE A 75 19.78 19.60 21.20
N PHE A 76 18.63 19.28 21.80
CA PHE A 76 18.12 17.91 21.76
C PHE A 76 17.89 17.49 20.34
N ARG A 77 17.22 18.35 19.58
CA ARG A 77 16.89 18.02 18.21
C ARG A 77 18.10 17.79 17.33
N LYS A 78 19.10 18.67 17.44
CA LYS A 78 20.33 18.49 16.67
C LYS A 78 21.03 17.20 17.07
N THR A 79 21.21 17.00 18.37
CA THR A 79 21.83 15.78 18.88
C THR A 79 21.20 14.51 18.27
N LEU A 80 19.87 14.40 18.37
CA LEU A 80 19.14 13.24 17.82
C LEU A 80 19.39 13.08 16.33
N ASP A 81 19.44 14.19 15.61
CA ASP A 81 19.66 14.18 14.16
C ASP A 81 21.10 13.80 13.75
N GLN A 82 22.06 14.03 14.63
CA GLN A 82 23.46 13.68 14.35
C GLN A 82 23.77 12.23 14.73
N ASP A 83 23.12 11.73 15.78
CA ASP A 83 22.96 10.28 16.03
C ASP A 83 22.16 9.96 17.28
N ASP A 87 20.68 0.06 13.25
CA ASP A 87 19.54 0.90 13.62
C ASP A 87 18.23 0.08 13.41
N VAL A 88 18.16 -0.66 12.30
CA VAL A 88 16.90 -1.30 11.89
C VAL A 88 17.04 -2.81 11.57
N ILE A 89 16.03 -3.61 11.90
CA ILE A 89 16.07 -5.04 11.56
C ILE A 89 14.96 -5.38 10.58
N LEU A 90 15.17 -6.45 9.83
CA LEU A 90 14.21 -6.89 8.86
C LEU A 90 13.88 -8.37 9.07
N ILE A 91 12.60 -8.74 9.01
CA ILE A 91 12.22 -10.17 9.14
C ILE A 91 11.42 -10.59 7.92
N GLY A 92 11.88 -11.64 7.25
CA GLY A 92 11.31 -12.13 6.02
C GLY A 92 12.14 -11.68 4.83
N VAL A 93 13.14 -12.47 4.48
CA VAL A 93 14.02 -12.17 3.33
C VAL A 93 13.54 -12.87 2.03
N GLY A 94 12.31 -12.55 1.60
CA GLY A 94 11.78 -13.06 0.33
C GLY A 94 11.82 -11.95 -0.72
N ASN A 95 10.88 -11.94 -1.65
CA ASN A 95 10.86 -10.88 -2.66
C ASN A 95 10.76 -9.49 -2.05
N LEU A 96 9.75 -9.27 -1.21
CA LEU A 96 9.56 -7.97 -0.55
C LEU A 96 10.76 -7.56 0.32
N GLY A 97 11.25 -8.46 1.17
CA GLY A 97 12.38 -8.16 2.03
C GLY A 97 13.63 -7.86 1.23
N THR A 98 13.86 -8.67 0.19
CA THR A 98 15.02 -8.46 -0.68
C THR A 98 14.89 -7.13 -1.41
N ALA A 99 13.69 -6.81 -1.87
CA ALA A 99 13.45 -5.51 -2.50
C ALA A 99 13.83 -4.40 -1.53
N PHE A 100 13.54 -4.60 -0.25
CA PHE A 100 13.89 -3.64 0.77
C PHE A 100 15.37 -3.62 1.02
N LEU A 101 15.97 -4.81 1.14
CA LEU A 101 17.42 -4.93 1.31
C LEU A 101 18.23 -4.41 0.11
N HIS A 102 17.57 -4.29 -1.06
CA HIS A 102 18.20 -3.72 -2.27
C HIS A 102 17.74 -2.32 -2.64
N TYR A 103 16.60 -1.85 -2.12
CA TYR A 103 16.04 -0.53 -2.45
C TYR A 103 17.08 0.58 -2.27
N ASN A 104 16.95 1.62 -3.10
CA ASN A 104 17.72 2.85 -2.93
C ASN A 104 16.78 4.06 -2.99
N THR A 111 20.47 5.16 9.42
CA THR A 111 19.33 4.38 8.91
C THR A 111 19.78 3.24 7.98
N LYS A 112 20.36 2.24 8.63
CA LYS A 112 20.93 1.09 8.03
C LYS A 112 20.12 -0.08 8.57
N ILE A 113 19.78 -1.03 7.72
CA ILE A 113 19.27 -2.32 8.16
C ILE A 113 20.51 -3.13 8.55
N SER A 114 20.58 -3.53 9.81
CA SER A 114 21.78 -4.14 10.35
C SER A 114 21.73 -5.65 10.42
N MET A 115 20.51 -6.19 10.55
CA MET A 115 20.30 -7.63 10.67
C MET A 115 19.01 -8.00 9.99
N ALA A 116 18.99 -9.16 9.35
CA ALA A 116 17.79 -9.75 8.85
C ALA A 116 17.60 -11.14 9.45
N PHE A 117 16.34 -11.58 9.43
CA PHE A 117 15.89 -12.83 10.01
C PHE A 117 14.97 -13.57 9.04
N ASP A 118 15.11 -14.88 9.02
CA ASP A 118 14.27 -15.78 8.21
C ASP A 118 14.21 -17.16 8.86
N ILE A 119 13.42 -18.04 8.26
CA ILE A 119 13.32 -19.45 8.67
C ILE A 119 13.86 -20.44 7.63
N ASN A 120 14.19 -19.93 6.45
CA ASN A 120 14.74 -20.71 5.35
C ASN A 120 16.22 -20.88 5.56
N GLU A 121 16.64 -22.12 5.85
CA GLU A 121 18.02 -22.43 6.15
C GLU A 121 18.90 -22.23 4.92
N SER A 122 18.29 -22.19 3.73
CA SER A 122 18.99 -21.79 2.52
C SER A 122 19.51 -20.35 2.60
N LYS A 123 18.75 -19.50 3.28
CA LYS A 123 19.04 -18.05 3.40
C LYS A 123 19.77 -17.70 4.70
N ILE A 124 19.43 -18.41 5.78
CA ILE A 124 20.12 -18.25 7.06
C ILE A 124 21.60 -18.50 6.85
N GLY A 125 22.42 -17.59 7.36
CA GLY A 125 23.86 -17.65 7.20
C GLY A 125 24.41 -17.16 5.87
N THR A 126 23.57 -16.53 5.05
CA THR A 126 24.04 -15.76 3.90
C THR A 126 23.82 -14.28 4.11
N GLU A 127 24.49 -13.44 3.32
CA GLU A 127 24.23 -12.00 3.26
C GLU A 127 23.40 -11.67 2.02
N VAL A 128 22.39 -10.82 2.21
CA VAL A 128 21.58 -10.28 1.13
C VAL A 128 21.66 -8.78 1.29
N GLY A 129 22.08 -8.10 0.23
CA GLY A 129 22.30 -6.65 0.28
C GLY A 129 23.33 -6.23 1.32
N GLY A 130 24.27 -7.11 1.62
CA GLY A 130 25.31 -6.84 2.59
C GLY A 130 24.91 -7.04 4.04
N VAL A 131 23.67 -7.47 4.27
CA VAL A 131 23.12 -7.66 5.61
C VAL A 131 23.05 -9.15 5.93
N PRO A 132 23.61 -9.57 7.08
CA PRO A 132 23.58 -11.01 7.37
C PRO A 132 22.17 -11.49 7.74
N VAL A 133 21.81 -12.68 7.25
CA VAL A 133 20.54 -13.34 7.60
C VAL A 133 20.73 -14.37 8.73
N TYR A 134 20.00 -14.13 9.81
CA TYR A 134 19.98 -14.99 10.97
C TYR A 134 18.69 -15.82 11.06
N ASN A 135 18.75 -16.86 11.90
CA ASN A 135 17.61 -17.67 12.24
C ASN A 135 16.69 -16.85 13.13
N LEU A 136 15.40 -16.85 12.80
CA LEU A 136 14.36 -16.27 13.67
C LEU A 136 14.46 -16.74 15.14
N ASP A 137 14.90 -17.97 15.36
CA ASP A 137 15.07 -18.52 16.71
C ASP A 137 16.03 -17.69 17.57
N ASP A 138 16.99 -17.04 16.92
CA ASP A 138 18.01 -16.20 17.59
C ASP A 138 17.61 -14.75 17.86
N LEU A 139 16.39 -14.36 17.47
CA LEU A 139 15.90 -12.99 17.63
C LEU A 139 16.11 -12.43 19.04
N GLU A 140 15.69 -13.19 20.03
CA GLU A 140 15.82 -12.76 21.42
C GLU A 140 17.27 -12.55 21.85
N GLN A 141 18.19 -13.38 21.38
CA GLN A 141 19.58 -13.18 21.79
C GLN A 141 20.27 -12.05 21.03
N HIS A 142 19.85 -11.81 19.79
CA HIS A 142 20.60 -10.92 18.90
C HIS A 142 20.19 -9.49 18.99
N VAL A 143 18.90 -9.25 19.23
CA VAL A 143 18.34 -7.91 19.37
C VAL A 143 18.65 -7.33 20.76
N LYS A 144 19.17 -6.10 20.78
CA LYS A 144 19.51 -5.44 22.03
C LYS A 144 18.90 -4.04 22.05
N ASP A 145 19.50 -3.12 21.31
CA ASP A 145 19.12 -1.70 21.35
C ASP A 145 18.23 -1.28 20.20
N GLU A 146 18.15 -2.13 19.17
CA GLU A 146 17.39 -1.80 17.96
C GLU A 146 15.92 -1.52 18.33
N SER A 147 15.34 -0.48 17.74
CA SER A 147 13.97 -0.06 18.03
C SER A 147 13.01 -0.16 16.86
N VAL A 148 13.49 -0.48 15.66
CA VAL A 148 12.64 -0.49 14.47
C VAL A 148 12.80 -1.80 13.74
N ALA A 149 11.67 -2.40 13.37
CA ALA A 149 11.58 -3.68 12.64
C ALA A 149 10.79 -3.48 11.36
N ILE A 150 11.31 -4.01 10.26
CA ILE A 150 10.56 -4.14 9.01
C ILE A 150 9.97 -5.57 8.91
N LEU A 151 8.67 -5.65 8.66
CA LEU A 151 8.01 -6.93 8.58
C LEU A 151 7.57 -7.23 7.13
N THR A 152 8.26 -8.22 6.56
CA THR A 152 8.04 -8.66 5.18
C THR A 152 7.91 -10.21 5.12
N VAL A 153 7.09 -10.74 6.04
CA VAL A 153 6.74 -12.16 6.12
C VAL A 153 5.29 -12.32 5.66
N PRO A 154 4.83 -13.56 5.41
CA PRO A 154 3.39 -13.73 5.14
C PRO A 154 2.48 -13.30 6.31
N ALA A 155 1.26 -12.82 6.04
CA ALA A 155 0.38 -12.29 7.10
C ALA A 155 0.19 -13.28 8.25
N VAL A 156 0.17 -14.55 7.91
CA VAL A 156 -0.03 -15.60 8.92
C VAL A 156 1.04 -15.64 10.02
N ALA A 157 2.24 -15.17 9.69
CA ALA A 157 3.37 -15.20 10.62
C ALA A 157 3.46 -13.92 11.45
N ALA A 158 2.75 -12.87 11.03
CA ALA A 158 3.06 -11.51 11.44
C ALA A 158 2.77 -11.21 12.92
N GLN A 159 1.63 -11.68 13.44
CA GLN A 159 1.26 -11.36 14.82
C GLN A 159 2.22 -11.99 15.86
N SER A 160 2.59 -13.25 15.68
CA SER A 160 3.45 -13.93 16.65
C SER A 160 4.84 -13.28 16.73
N ILE A 161 5.36 -12.90 15.57
CA ILE A 161 6.61 -12.17 15.45
C ILE A 161 6.52 -10.79 16.08
N THR A 162 5.43 -10.08 15.77
CA THR A 162 5.19 -8.80 16.40
C THR A 162 5.15 -8.88 17.93
N ASP A 163 4.53 -9.94 18.45
CA ASP A 163 4.45 -10.12 19.90
C ASP A 163 5.86 -10.25 20.46
N ARG A 164 6.71 -11.02 19.80
CA ARG A 164 8.10 -11.19 20.27
C ARG A 164 8.91 -9.90 20.19
N LEU A 165 8.73 -9.14 19.13
CA LEU A 165 9.37 -7.83 18.93
C LEU A 165 9.04 -6.79 20.01
N VAL A 166 7.76 -6.65 20.32
CA VAL A 166 7.31 -5.72 21.35
C VAL A 166 7.89 -6.13 22.72
N ALA A 167 7.93 -7.43 23.02
CA ALA A 167 8.65 -7.97 24.19
C ALA A 167 10.13 -7.62 24.26
N LEU A 168 10.78 -7.53 23.10
CA LEU A 168 12.20 -7.19 23.04
C LEU A 168 12.44 -5.69 23.00
N GLY A 169 11.36 -4.90 23.11
CA GLY A 169 11.42 -3.46 23.13
C GLY A 169 11.51 -2.75 21.79
N ILE A 170 10.99 -3.36 20.72
CA ILE A 170 10.93 -2.69 19.43
C ILE A 170 9.79 -1.67 19.55
N LYS A 171 10.04 -0.47 19.04
CA LYS A 171 9.14 0.68 19.25
C LYS A 171 8.39 1.06 17.99
N GLY A 172 8.86 0.61 16.85
CA GLY A 172 8.18 0.89 15.58
C GLY A 172 8.33 -0.25 14.61
N ILE A 173 7.25 -0.56 13.90
CA ILE A 173 7.24 -1.67 12.96
C ILE A 173 6.69 -1.15 11.65
N LEU A 174 7.46 -1.37 10.59
CA LEU A 174 6.97 -1.19 9.23
C LEU A 174 6.36 -2.51 8.82
N ASN A 175 5.04 -2.57 8.87
CA ASN A 175 4.26 -3.74 8.55
C ASN A 175 3.90 -3.79 7.07
N PHE A 176 4.73 -4.47 6.30
CA PHE A 176 4.52 -4.68 4.88
C PHE A 176 3.93 -6.08 4.69
N THR A 177 2.76 -6.25 5.31
CA THR A 177 1.99 -7.51 5.29
C THR A 177 0.51 -7.16 5.35
N PRO A 178 -0.35 -8.05 4.85
CA PRO A 178 -1.79 -7.85 4.93
C PRO A 178 -2.38 -7.87 6.36
N ALA A 179 -1.61 -8.30 7.36
CA ALA A 179 -2.07 -8.45 8.73
C ALA A 179 -2.34 -7.09 9.40
N ARG A 180 -3.44 -7.03 10.12
CA ARG A 180 -3.72 -5.90 10.97
C ARG A 180 -3.18 -6.30 12.34
N LEU A 181 -2.11 -5.63 12.78
CA LEU A 181 -1.42 -6.03 14.01
C LEU A 181 -2.09 -5.53 15.30
N ASN A 182 -2.11 -6.39 16.30
CA ASN A 182 -2.47 -6.04 17.66
C ASN A 182 -1.25 -5.65 18.50
N VAL A 183 -1.17 -4.36 18.85
CA VAL A 183 -0.03 -3.84 19.61
C VAL A 183 -0.50 -2.82 20.66
N PRO A 184 0.29 -2.62 21.73
CA PRO A 184 0.11 -1.44 22.57
C PRO A 184 0.09 -0.16 21.74
N GLU A 185 -0.68 0.83 22.18
CA GLU A 185 -0.87 2.05 21.37
C GLU A 185 0.40 2.88 21.14
N HIS A 186 1.39 2.74 22.01
CA HIS A 186 2.65 3.48 21.87
C HIS A 186 3.60 2.89 20.83
N ILE A 187 3.28 1.69 20.32
CA ILE A 187 4.03 1.09 19.24
C ILE A 187 3.55 1.75 17.93
N ARG A 188 4.44 2.43 17.25
CA ARG A 188 4.13 3.04 15.97
C ARG A 188 4.16 1.99 14.87
N ILE A 189 3.04 1.80 14.17
CA ILE A 189 2.94 0.84 13.07
C ILE A 189 2.72 1.59 11.74
N HIS A 190 3.60 1.43 10.75
CA HIS A 190 3.32 1.98 9.42
C HIS A 190 2.89 0.79 8.55
N HIS A 191 1.63 0.77 8.15
CA HIS A 191 1.08 -0.41 7.46
C HIS A 191 1.07 -0.17 5.96
N ILE A 192 1.71 -1.06 5.22
CA ILE A 192 1.78 -0.95 3.75
C ILE A 192 1.18 -2.18 3.15
N ASP A 193 0.15 -1.96 2.34
CA ASP A 193 -0.52 -3.06 1.72
C ASP A 193 -1.14 -2.66 0.40
N LEU A 194 -0.85 -3.50 -0.57
CA LEU A 194 -1.28 -3.32 -1.94
C LEU A 194 -2.80 -3.19 -2.09
N ALA A 195 -3.55 -4.13 -1.52
CA ALA A 195 -5.01 -4.08 -1.56
C ALA A 195 -5.63 -2.85 -0.90
N VAL A 196 -5.06 -2.46 0.22
CA VAL A 196 -5.46 -1.27 0.95
C VAL A 196 -5.20 0.00 0.15
N GLU A 197 -4.00 0.12 -0.42
CA GLU A 197 -3.72 1.25 -1.32
C GLU A 197 -4.63 1.30 -2.53
N LEU A 198 -4.83 0.15 -3.17
CA LEU A 198 -5.71 0.05 -4.35
C LEU A 198 -7.15 0.39 -4.07
N GLN A 199 -7.66 -0.05 -2.93
CA GLN A 199 -9.06 0.25 -2.57
C GLN A 199 -9.33 1.74 -2.56
N SER A 200 -8.36 2.47 -2.01
CA SER A 200 -8.44 3.90 -1.89
C SER A 200 -8.37 4.63 -3.21
N LEU A 201 -7.36 4.30 -4.03
CA LEU A 201 -7.22 4.86 -5.37
C LEU A 201 -8.46 4.56 -6.23
N VAL A 202 -8.91 3.32 -6.25
CA VAL A 202 -10.12 2.96 -7.03
C VAL A 202 -11.35 3.76 -6.58
N TYR A 203 -11.50 3.95 -5.28
CA TYR A 203 -12.61 4.75 -4.76
C TYR A 203 -12.57 6.15 -5.32
N PHE A 204 -11.38 6.75 -5.35
CA PHE A 204 -11.23 8.08 -5.91
C PHE A 204 -11.63 8.09 -7.37
N LEU A 205 -11.12 7.11 -8.12
CA LEU A 205 -11.40 7.06 -9.56
C LEU A 205 -12.88 6.88 -9.86
N LYS A 206 -13.53 6.02 -9.09
CA LYS A 206 -14.94 5.72 -9.31
C LYS A 206 -15.87 6.84 -8.84
N HIS A 207 -15.41 7.73 -7.96
CA HIS A 207 -16.27 8.80 -7.43
C HIS A 207 -15.91 10.24 -7.82
N TYR A 208 -14.64 10.55 -8.05
CA TYR A 208 -14.23 11.96 -8.22
C TYR A 208 -13.58 12.25 -9.59
N SER A 209 -13.76 11.31 -10.51
CA SER A 209 -13.34 11.46 -11.90
C SER A 209 -14.48 11.99 -12.77
N LYS B 7 -18.61 3.18 -27.84
CA LYS B 7 -19.96 3.80 -27.68
C LYS B 7 -20.94 2.72 -28.14
N ILE B 8 -21.27 1.73 -27.31
CA ILE B 8 -22.53 1.70 -26.51
C ILE B 8 -23.09 3.02 -25.97
N PRO B 9 -24.26 3.46 -26.49
CA PRO B 9 -24.97 4.64 -25.99
C PRO B 9 -25.19 4.67 -24.48
N GLN B 10 -24.99 5.83 -23.86
CA GLN B 10 -25.24 6.02 -22.42
C GLN B 10 -26.57 5.45 -21.96
N ALA B 11 -27.63 5.74 -22.71
CA ALA B 11 -28.98 5.27 -22.36
C ALA B 11 -29.06 3.75 -22.26
N THR B 12 -28.45 3.05 -23.19
CA THR B 12 -28.34 1.61 -23.17
C THR B 12 -27.56 1.15 -21.96
N ALA B 13 -26.33 1.68 -21.80
CA ALA B 13 -25.45 1.28 -20.72
C ALA B 13 -26.14 1.45 -19.37
N LYS B 14 -26.91 2.51 -19.22
CA LYS B 14 -27.62 2.76 -17.97
C LYS B 14 -28.73 1.76 -17.69
N ARG B 15 -29.23 1.11 -18.73
CA ARG B 15 -30.29 0.11 -18.59
C ARG B 15 -29.80 -1.25 -18.16
N LEU B 16 -28.51 -1.51 -18.31
CA LEU B 16 -27.93 -2.83 -18.04
C LEU B 16 -28.18 -3.32 -16.59
N PRO B 17 -27.90 -2.48 -15.57
CA PRO B 17 -28.23 -2.92 -14.20
C PRO B 17 -29.74 -3.11 -13.94
N LEU B 18 -30.58 -2.38 -14.67
CA LEU B 18 -32.03 -2.54 -14.60
C LEU B 18 -32.49 -3.90 -15.12
N TYR B 19 -32.02 -4.26 -16.30
CA TYR B 19 -32.25 -5.58 -16.85
C TYR B 19 -31.84 -6.68 -15.88
N TYR B 20 -30.64 -6.52 -15.33
CA TYR B 20 -30.06 -7.49 -14.39
C TYR B 20 -30.91 -7.67 -13.13
N ARG B 21 -31.32 -6.56 -12.52
CA ARG B 21 -32.17 -6.65 -11.32
C ARG B 21 -33.48 -7.35 -11.63
N PHE B 22 -34.11 -6.97 -12.75
CA PHE B 22 -35.33 -7.63 -13.22
C PHE B 22 -35.18 -9.13 -13.43
N LEU B 23 -34.14 -9.50 -14.16
CA LEU B 23 -33.84 -10.90 -14.42
C LEU B 23 -33.58 -11.69 -13.14
N LYS B 24 -32.90 -11.07 -12.19
CA LYS B 24 -32.65 -11.64 -10.83
C LYS B 24 -33.94 -12.12 -10.14
N ASN B 25 -34.90 -11.21 -10.15
CA ASN B 25 -36.24 -11.43 -9.61
C ASN B 25 -37.02 -12.50 -10.39
N LEU B 26 -36.97 -12.45 -11.72
CA LEU B 26 -37.60 -13.50 -12.56
C LEU B 26 -37.03 -14.87 -12.26
N HIS B 27 -35.72 -14.94 -12.08
CA HIS B 27 -35.08 -16.21 -11.90
C HIS B 27 -35.45 -16.81 -10.53
N ALA B 28 -35.42 -16.00 -9.49
CA ALA B 28 -35.94 -16.36 -8.20
C ALA B 28 -37.41 -16.84 -8.25
N SER B 29 -38.24 -16.21 -9.08
CA SER B 29 -39.65 -16.61 -9.25
C SER B 29 -39.88 -17.96 -9.95
N GLY B 30 -38.84 -18.54 -10.57
CA GLY B 30 -38.97 -19.81 -11.27
C GLY B 30 -39.29 -19.66 -12.75
N LYS B 31 -39.39 -18.42 -13.21
CA LYS B 31 -39.65 -18.12 -14.61
C LYS B 31 -38.55 -18.62 -15.55
N GLN B 32 -38.95 -19.32 -16.62
CA GLN B 32 -37.96 -19.93 -17.52
C GLN B 32 -37.67 -19.14 -18.78
N ARG B 33 -38.69 -18.46 -19.30
CA ARG B 33 -38.56 -17.61 -20.46
C ARG B 33 -39.07 -16.24 -20.16
N VAL B 34 -38.55 -15.25 -20.89
CA VAL B 34 -39.04 -13.86 -20.83
C VAL B 34 -39.11 -13.29 -22.24
N SER B 35 -40.16 -12.53 -22.52
CA SER B 35 -40.34 -11.94 -23.83
C SER B 35 -39.77 -10.55 -23.90
N SER B 36 -39.63 -10.05 -25.13
CA SER B 36 -39.30 -8.61 -25.34
C SER B 36 -40.26 -7.67 -24.65
N ALA B 37 -41.56 -8.00 -24.72
CA ALA B 37 -42.59 -7.15 -24.07
C ALA B 37 -42.43 -7.10 -22.54
N GLU B 38 -42.17 -8.23 -21.91
CA GLU B 38 -41.99 -8.28 -20.46
C GLU B 38 -40.74 -7.46 -20.05
N LEU B 39 -39.70 -7.54 -20.87
CA LEU B 39 -38.46 -6.78 -20.66
C LEU B 39 -38.74 -5.31 -20.77
N SER B 40 -39.49 -4.92 -21.81
CA SER B 40 -39.87 -3.55 -22.08
C SER B 40 -40.68 -2.95 -20.94
N ASP B 41 -41.66 -3.70 -20.45
CA ASP B 41 -42.45 -3.28 -19.30
C ASP B 41 -41.54 -3.06 -18.08
N ALA B 42 -40.57 -3.96 -17.88
CA ALA B 42 -39.65 -3.89 -16.73
C ALA B 42 -38.83 -2.59 -16.65
N VAL B 43 -38.34 -2.11 -17.80
CA VAL B 43 -37.43 -0.95 -17.88
C VAL B 43 -38.14 0.25 -18.53
N LYS B 44 -39.44 0.10 -18.74
CA LYS B 44 -40.32 1.12 -19.32
C LYS B 44 -39.84 1.63 -20.67
N VAL B 45 -39.53 0.74 -21.60
CA VAL B 45 -39.21 1.15 -22.96
C VAL B 45 -40.11 0.36 -23.93
N ASP B 46 -39.82 0.38 -25.23
CA ASP B 46 -40.55 -0.40 -26.20
C ASP B 46 -39.71 -1.58 -26.71
N SER B 47 -40.34 -2.50 -27.45
CA SER B 47 -39.67 -3.74 -27.89
C SER B 47 -38.48 -3.47 -28.80
N ALA B 48 -38.57 -2.42 -29.62
CA ALA B 48 -37.47 -2.04 -30.54
C ALA B 48 -36.22 -1.59 -29.77
N THR B 49 -36.41 -0.91 -28.64
CA THR B 49 -35.30 -0.56 -27.76
C THR B 49 -34.62 -1.79 -27.19
N ILE B 50 -35.42 -2.78 -26.79
CA ILE B 50 -34.85 -4.05 -26.26
C ILE B 50 -33.96 -4.69 -27.35
N ARG B 51 -34.47 -4.74 -28.57
N ARG B 51 -34.50 -4.77 -28.56
CA ARG B 51 -33.70 -5.35 -29.68
CA ARG B 51 -33.75 -5.30 -29.70
C ARG B 51 -32.37 -4.63 -29.92
C ARG B 51 -32.37 -4.62 -29.85
N ARG B 52 -32.40 -3.30 -29.90
CA ARG B 52 -31.19 -2.50 -30.07
C ARG B 52 -30.24 -2.65 -28.89
N ASP B 53 -30.78 -2.56 -27.66
CA ASP B 53 -29.98 -2.70 -26.45
C ASP B 53 -29.28 -4.08 -26.47
N PHE B 54 -30.03 -5.15 -26.74
CA PHE B 54 -29.51 -6.53 -26.77
C PHE B 54 -28.43 -6.80 -27.87
N SER B 55 -28.51 -6.06 -28.97
CA SER B 55 -27.51 -6.05 -30.01
C SER B 55 -26.21 -5.40 -29.47
N TYR B 56 -26.36 -4.29 -28.76
CA TYR B 56 -25.21 -3.66 -28.12
C TYR B 56 -24.61 -4.55 -27.04
N PHE B 57 -25.42 -5.28 -26.30
CA PHE B 57 -24.87 -6.21 -25.29
C PHE B 57 -24.40 -7.56 -25.82
N GLY B 58 -24.86 -7.94 -27.01
CA GLY B 58 -24.65 -9.24 -27.58
C GLY B 58 -25.51 -10.34 -26.97
N ALA B 59 -26.68 -10.00 -26.45
CA ALA B 59 -27.57 -11.01 -25.84
C ALA B 59 -28.44 -11.73 -26.89
N LEU B 60 -28.51 -13.06 -26.80
CA LEU B 60 -29.19 -13.86 -27.82
C LEU B 60 -30.48 -14.55 -27.33
N GLY B 61 -31.52 -14.51 -28.18
CA GLY B 61 -32.78 -15.25 -27.93
C GLY B 61 -33.12 -16.20 -29.07
N LYS B 62 -34.35 -16.71 -29.07
CA LYS B 62 -34.85 -17.65 -30.09
C LYS B 62 -36.25 -17.19 -30.42
N LYS B 63 -36.59 -17.09 -31.71
CA LYS B 63 -37.89 -16.52 -32.07
C LYS B 63 -39.03 -17.36 -31.45
N GLY B 64 -40.05 -16.68 -30.91
CA GLY B 64 -41.20 -17.37 -30.29
C GLY B 64 -40.94 -17.65 -28.81
N TYR B 65 -39.96 -18.55 -28.56
CA TYR B 65 -39.51 -18.90 -27.20
C TYR B 65 -39.12 -17.64 -26.43
N GLY B 66 -38.43 -16.74 -27.09
CA GLY B 66 -38.01 -15.50 -26.46
C GLY B 66 -36.65 -15.66 -25.89
N TYR B 67 -36.46 -15.17 -24.66
CA TYR B 67 -35.17 -15.26 -24.00
C TYR B 67 -35.22 -16.28 -22.85
N ASN B 68 -34.15 -17.06 -22.73
CA ASN B 68 -34.03 -17.98 -21.61
C ASN B 68 -33.58 -17.15 -20.41
N VAL B 69 -34.35 -17.20 -19.33
CA VAL B 69 -34.07 -16.41 -18.12
C VAL B 69 -32.70 -16.75 -17.49
N ASP B 70 -32.41 -18.03 -17.36
CA ASP B 70 -31.12 -18.46 -16.80
C ASP B 70 -29.90 -17.91 -17.59
N TYR B 71 -29.95 -18.09 -18.91
CA TYR B 71 -28.94 -17.59 -19.84
C TYR B 71 -28.75 -16.08 -19.67
N LEU B 72 -29.85 -15.34 -19.82
CA LEU B 72 -29.80 -13.88 -19.73
C LEU B 72 -29.26 -13.37 -18.38
N LEU B 73 -29.70 -13.95 -17.28
CA LEU B 73 -29.22 -13.50 -15.98
C LEU B 73 -27.71 -13.71 -15.86
N SER B 74 -27.22 -14.90 -16.20
CA SER B 74 -25.79 -15.15 -16.09
C SER B 74 -25.03 -14.28 -17.10
N PHE B 75 -25.60 -14.10 -18.29
CA PHE B 75 -25.04 -13.22 -19.31
C PHE B 75 -24.86 -11.77 -18.80
N PHE B 76 -25.93 -11.20 -18.23
CA PHE B 76 -25.89 -9.85 -17.69
C PHE B 76 -25.03 -9.71 -16.43
N ARG B 77 -24.93 -10.79 -15.65
CA ARG B 77 -24.09 -10.82 -14.46
C ARG B 77 -22.61 -10.82 -14.87
N LYS B 78 -22.26 -11.68 -15.84
CA LYS B 78 -20.91 -11.74 -16.39
C LYS B 78 -20.53 -10.36 -16.94
N THR B 79 -21.47 -9.71 -17.61
CA THR B 79 -21.25 -8.38 -18.22
C THR B 79 -21.02 -7.28 -17.15
N LEU B 80 -21.86 -7.22 -16.13
CA LEU B 80 -21.68 -6.26 -15.05
C LEU B 80 -20.43 -6.50 -14.25
N ASP B 81 -20.15 -7.76 -13.89
CA ASP B 81 -18.87 -8.12 -13.24
C ASP B 81 -17.63 -7.59 -13.99
N GLN B 82 -17.55 -7.87 -15.29
CA GLN B 82 -16.47 -7.37 -16.13
C GLN B 82 -16.42 -5.85 -16.10
N ASP B 83 -17.58 -5.19 -16.24
CA ASP B 83 -17.61 -3.72 -16.24
C ASP B 83 -17.15 -3.17 -14.90
N GLU B 84 -17.50 -3.84 -13.81
CA GLU B 84 -17.13 -3.38 -12.46
C GLU B 84 -15.78 -3.87 -11.91
N MET B 85 -15.13 -4.79 -12.62
CA MET B 85 -13.80 -5.28 -12.23
C MET B 85 -12.77 -4.20 -12.47
N THR B 86 -11.83 -4.06 -11.54
CA THR B 86 -10.67 -3.22 -11.79
C THR B 86 -9.52 -4.08 -12.22
N ASP B 87 -9.20 -4.01 -13.51
CA ASP B 87 -8.05 -4.69 -14.05
C ASP B 87 -6.86 -3.74 -13.97
N VAL B 88 -5.81 -4.19 -13.27
CA VAL B 88 -4.60 -3.44 -13.04
C VAL B 88 -3.41 -3.93 -13.87
N ILE B 89 -2.61 -3.01 -14.37
CA ILE B 89 -1.42 -3.31 -15.13
C ILE B 89 -0.22 -3.09 -14.23
N LEU B 90 0.69 -4.04 -14.20
CA LEU B 90 1.93 -3.84 -13.46
C LEU B 90 3.13 -3.74 -14.39
N ILE B 91 4.00 -2.79 -14.06
CA ILE B 91 5.22 -2.61 -14.81
C ILE B 91 6.44 -2.83 -13.92
N GLY B 92 7.26 -3.81 -14.32
CA GLY B 92 8.53 -4.11 -13.66
C GLY B 92 8.37 -5.32 -12.76
N VAL B 93 8.78 -6.49 -13.25
CA VAL B 93 8.58 -7.73 -12.54
C VAL B 93 9.90 -8.16 -11.87
N GLY B 94 10.40 -7.30 -10.96
CA GLY B 94 11.59 -7.56 -10.14
C GLY B 94 11.13 -8.13 -8.83
N ASN B 95 11.90 -7.97 -7.77
CA ASN B 95 11.52 -8.50 -6.45
C ASN B 95 10.14 -8.00 -6.02
N LEU B 96 9.97 -6.69 -6.03
CA LEU B 96 8.73 -6.06 -5.61
C LEU B 96 7.54 -6.42 -6.50
N GLY B 97 7.73 -6.31 -7.81
CA GLY B 97 6.66 -6.65 -8.74
C GLY B 97 6.27 -8.11 -8.68
N THR B 98 7.20 -9.03 -8.42
CA THR B 98 6.78 -10.44 -8.33
C THR B 98 6.03 -10.75 -7.03
N ALA B 99 6.39 -10.10 -5.93
CA ALA B 99 5.60 -10.13 -4.70
C ALA B 99 4.13 -9.73 -4.98
N PHE B 100 3.97 -8.64 -5.74
CA PHE B 100 2.65 -8.13 -6.09
C PHE B 100 1.86 -9.07 -7.02
N LEU B 101 2.56 -9.72 -7.94
CA LEU B 101 1.91 -10.68 -8.85
C LEU B 101 1.52 -11.96 -8.10
N HIS B 102 2.17 -12.22 -6.96
CA HIS B 102 1.74 -13.29 -6.07
C HIS B 102 0.71 -12.88 -5.00
N TYR B 103 0.26 -11.63 -5.01
CA TYR B 103 -0.71 -11.15 -4.04
C TYR B 103 -2.05 -11.83 -4.29
N ASN B 104 -2.67 -12.40 -3.25
CA ASN B 104 -4.02 -13.00 -3.39
C ASN B 104 -5.12 -12.01 -3.03
N PHE B 105 -5.74 -11.41 -4.04
CA PHE B 105 -6.89 -10.54 -3.79
C PHE B 105 -8.12 -11.39 -3.46
N THR B 106 -8.86 -11.00 -2.43
CA THR B 106 -10.10 -11.70 -2.06
C THR B 106 -11.16 -11.54 -3.17
N LYS B 107 -12.17 -12.39 -3.15
CA LYS B 107 -13.28 -12.30 -4.13
C LYS B 107 -13.99 -10.96 -3.89
N ASN B 108 -14.37 -10.72 -2.63
CA ASN B 108 -15.13 -9.54 -2.28
C ASN B 108 -14.64 -8.31 -3.02
N ASN B 109 -13.36 -8.33 -3.31
CA ASN B 109 -12.68 -7.30 -4.02
C ASN B 109 -12.46 -7.63 -5.50
N ASN B 110 -13.32 -7.12 -6.36
CA ASN B 110 -13.11 -7.31 -7.80
C ASN B 110 -11.97 -6.39 -8.30
N THR B 111 -10.76 -6.79 -7.91
CA THR B 111 -9.53 -6.19 -8.38
C THR B 111 -8.59 -7.34 -8.72
N LYS B 112 -7.89 -7.23 -9.83
CA LYS B 112 -6.81 -8.18 -10.17
C LYS B 112 -5.78 -7.48 -11.03
N ILE B 113 -4.56 -7.99 -11.00
CA ILE B 113 -3.50 -7.57 -11.94
C ILE B 113 -3.66 -8.48 -13.18
N SER B 114 -4.04 -7.90 -14.30
CA SER B 114 -4.41 -8.67 -15.50
C SER B 114 -3.20 -8.92 -16.43
N MET B 115 -2.19 -8.06 -16.33
CA MET B 115 -1.01 -8.21 -17.15
C MET B 115 0.16 -7.45 -16.55
N ALA B 116 1.35 -7.85 -16.95
CA ALA B 116 2.58 -7.21 -16.52
C ALA B 116 3.53 -6.97 -17.67
N PHE B 117 4.41 -5.97 -17.50
CA PHE B 117 5.44 -5.65 -18.48
C PHE B 117 6.83 -5.55 -17.87
N ASP B 118 7.82 -5.98 -18.66
CA ASP B 118 9.24 -5.88 -18.29
C ASP B 118 10.08 -5.66 -19.56
N ILE B 119 11.38 -5.41 -19.39
CA ILE B 119 12.37 -5.36 -20.49
C ILE B 119 13.38 -6.54 -20.50
N ASN B 120 13.47 -7.28 -19.39
CA ASN B 120 14.31 -8.46 -19.25
C ASN B 120 13.78 -9.61 -20.09
N GLU B 121 14.60 -10.05 -21.04
CA GLU B 121 14.21 -11.12 -21.97
C GLU B 121 13.86 -12.42 -21.27
N SER B 122 14.49 -12.70 -20.13
CA SER B 122 14.24 -13.95 -19.39
C SER B 122 12.86 -13.99 -18.75
N LYS B 123 12.32 -12.82 -18.45
CA LYS B 123 11.00 -12.69 -17.87
C LYS B 123 9.89 -12.53 -18.91
N ILE B 124 10.16 -11.77 -19.97
CA ILE B 124 9.18 -11.59 -21.04
C ILE B 124 8.79 -12.95 -21.61
N GLY B 125 7.49 -13.18 -21.77
CA GLY B 125 6.97 -14.44 -22.33
C GLY B 125 6.72 -15.55 -21.32
N THR B 126 6.77 -15.18 -20.05
CA THR B 126 6.59 -16.08 -18.94
C THR B 126 5.32 -15.67 -18.19
N GLU B 127 4.87 -16.50 -17.24
CA GLU B 127 3.75 -16.15 -16.36
C GLU B 127 4.20 -16.19 -14.93
N VAL B 128 3.87 -15.14 -14.21
CA VAL B 128 4.24 -15.02 -12.81
C VAL B 128 2.96 -14.80 -12.01
N GLY B 129 2.65 -15.72 -11.10
CA GLY B 129 1.37 -15.68 -10.38
C GLY B 129 0.15 -15.73 -11.30
N GLY B 130 0.26 -16.45 -12.42
CA GLY B 130 -0.81 -16.52 -13.40
C GLY B 130 -0.96 -15.30 -14.30
N VAL B 131 -0.09 -14.32 -14.18
CA VAL B 131 -0.17 -13.11 -14.99
C VAL B 131 0.92 -13.12 -16.07
N PRO B 132 0.52 -12.92 -17.34
CA PRO B 132 1.48 -12.93 -18.42
C PRO B 132 2.40 -11.70 -18.39
N VAL B 133 3.68 -11.92 -18.69
CA VAL B 133 4.66 -10.85 -18.72
C VAL B 133 5.02 -10.52 -20.16
N TYR B 134 4.73 -9.29 -20.54
CA TYR B 134 4.90 -8.86 -21.91
C TYR B 134 6.06 -7.89 -22.04
N ASN B 135 6.54 -7.72 -23.26
CA ASN B 135 7.53 -6.71 -23.58
C ASN B 135 6.93 -5.32 -23.49
N LEU B 136 7.58 -4.43 -22.72
CA LEU B 136 7.12 -3.04 -22.63
C LEU B 136 6.85 -2.37 -23.99
N ASP B 137 7.55 -2.79 -25.04
CA ASP B 137 7.40 -2.22 -26.40
C ASP B 137 6.01 -2.39 -26.95
N ASP B 138 5.34 -3.42 -26.46
CA ASP B 138 4.00 -3.75 -26.89
C ASP B 138 2.90 -3.13 -26.00
N LEU B 139 3.27 -2.27 -25.05
CA LEU B 139 2.32 -1.71 -24.08
C LEU B 139 1.07 -1.14 -24.77
N GLU B 140 1.29 -0.35 -25.82
CA GLU B 140 0.21 0.33 -26.54
C GLU B 140 -0.76 -0.64 -27.24
N GLN B 141 -0.29 -1.84 -27.54
CA GLN B 141 -1.11 -2.85 -28.21
C GLN B 141 -1.82 -3.81 -27.27
N HIS B 142 -1.43 -3.83 -25.99
CA HIS B 142 -2.10 -4.66 -24.97
C HIS B 142 -3.12 -3.88 -24.12
N VAL B 143 -2.80 -2.62 -23.82
CA VAL B 143 -3.66 -1.78 -22.98
C VAL B 143 -4.83 -1.24 -23.82
N LYS B 144 -6.04 -1.50 -23.34
CA LYS B 144 -7.27 -0.98 -23.94
C LYS B 144 -8.00 -0.12 -22.92
N ASP B 145 -8.80 -0.74 -22.05
CA ASP B 145 -9.65 0.03 -21.11
C ASP B 145 -9.14 0.09 -19.66
N GLU B 146 -8.06 -0.62 -19.35
CA GLU B 146 -7.49 -0.57 -17.98
C GLU B 146 -7.22 0.88 -17.53
N SER B 147 -7.50 1.16 -16.27
CA SER B 147 -7.39 2.51 -15.75
C SER B 147 -6.35 2.72 -14.63
N VAL B 148 -5.73 1.64 -14.16
CA VAL B 148 -4.87 1.65 -13.00
C VAL B 148 -3.60 0.87 -13.33
N ALA B 149 -2.45 1.44 -12.95
CA ALA B 149 -1.14 0.86 -13.16
C ALA B 149 -0.32 0.92 -11.86
N ILE B 150 0.54 -0.07 -11.67
CA ILE B 150 1.48 -0.15 -10.55
C ILE B 150 2.87 -0.07 -11.18
N LEU B 151 3.70 0.83 -10.65
CA LEU B 151 5.06 1.04 -11.11
C LEU B 151 6.07 0.48 -10.12
N THR B 152 6.84 -0.53 -10.53
CA THR B 152 7.89 -1.07 -9.67
C THR B 152 9.19 -1.22 -10.48
N VAL B 153 9.57 -0.13 -11.16
CA VAL B 153 10.77 -0.06 -12.00
C VAL B 153 11.77 0.86 -11.28
N PRO B 154 13.05 0.83 -11.70
CA PRO B 154 13.99 1.84 -11.23
C PRO B 154 13.48 3.27 -11.48
N ALA B 155 13.83 4.19 -10.59
CA ALA B 155 13.33 5.57 -10.64
C ALA B 155 13.61 6.23 -11.99
N VAL B 156 14.81 5.99 -12.49
CA VAL B 156 15.22 6.57 -13.77
C VAL B 156 14.37 6.16 -15.00
N ALA B 157 13.66 5.03 -14.93
CA ALA B 157 12.75 4.58 -16.00
C ALA B 157 11.29 5.05 -15.80
N ALA B 158 10.95 5.52 -14.60
CA ALA B 158 9.53 5.68 -14.23
C ALA B 158 8.77 6.75 -15.04
N GLN B 159 9.43 7.85 -15.39
CA GLN B 159 8.76 8.98 -16.07
C GLN B 159 8.37 8.74 -17.54
N SER B 160 9.25 8.08 -18.30
CA SER B 160 8.96 7.78 -19.70
C SER B 160 7.77 6.85 -19.76
N ILE B 161 7.77 5.88 -18.86
CA ILE B 161 6.70 4.90 -18.75
C ILE B 161 5.39 5.59 -18.39
N THR B 162 5.45 6.53 -17.46
CA THR B 162 4.28 7.24 -16.99
C THR B 162 3.64 8.09 -18.10
N ASP B 163 4.48 8.78 -18.87
CA ASP B 163 4.03 9.52 -20.05
C ASP B 163 3.24 8.66 -21.05
N ARG B 164 3.68 7.41 -21.24
CA ARG B 164 3.01 6.47 -22.14
C ARG B 164 1.67 5.99 -21.59
N LEU B 165 1.65 5.71 -20.28
CA LEU B 165 0.46 5.25 -19.58
C LEU B 165 -0.66 6.28 -19.61
N VAL B 166 -0.29 7.52 -19.29
CA VAL B 166 -1.26 8.61 -19.29
C VAL B 166 -1.78 8.84 -20.71
N ALA B 167 -0.95 8.64 -21.74
CA ALA B 167 -1.41 8.74 -23.13
C ALA B 167 -2.38 7.62 -23.50
N LEU B 168 -2.17 6.44 -22.94
CA LEU B 168 -3.05 5.28 -23.16
C LEU B 168 -4.32 5.30 -22.29
N GLY B 169 -4.45 6.28 -21.42
CA GLY B 169 -5.67 6.48 -20.65
C GLY B 169 -5.67 5.90 -19.26
N ILE B 170 -4.49 5.62 -18.71
CA ILE B 170 -4.38 5.31 -17.28
C ILE B 170 -4.73 6.57 -16.50
N LYS B 171 -5.64 6.43 -15.54
CA LYS B 171 -6.09 7.55 -14.71
C LYS B 171 -5.52 7.54 -13.27
N GLY B 172 -5.00 6.40 -12.85
CA GLY B 172 -4.45 6.24 -11.51
C GLY B 172 -3.23 5.34 -11.44
N ILE B 173 -2.22 5.75 -10.68
CA ILE B 173 -0.94 5.06 -10.62
C ILE B 173 -0.53 4.89 -9.16
N LEU B 174 -0.13 3.67 -8.80
CA LEU B 174 0.61 3.44 -7.58
C LEU B 174 2.07 3.38 -7.93
N ASN B 175 2.81 4.40 -7.47
CA ASN B 175 4.21 4.57 -7.76
C ASN B 175 5.03 4.07 -6.58
N PHE B 176 5.55 2.84 -6.70
CA PHE B 176 6.45 2.25 -5.67
C PHE B 176 7.94 2.52 -5.94
N THR B 177 8.22 3.53 -6.75
CA THR B 177 9.58 3.90 -7.12
C THR B 177 9.98 5.20 -6.36
N PRO B 178 11.28 5.50 -6.24
CA PRO B 178 11.69 6.83 -5.73
C PRO B 178 11.36 8.05 -6.60
N ALA B 179 10.97 7.83 -7.86
CA ALA B 179 10.79 8.93 -8.81
C ALA B 179 9.57 9.74 -8.43
N ARG B 180 9.73 11.05 -8.48
CA ARG B 180 8.63 11.97 -8.23
C ARG B 180 8.10 12.28 -9.62
N LEU B 181 6.90 11.78 -9.93
CA LEU B 181 6.38 11.77 -11.29
C LEU B 181 5.67 13.07 -11.69
N ASN B 182 5.87 13.48 -12.94
CA ASN B 182 5.17 14.62 -13.51
C ASN B 182 4.01 14.13 -14.37
N VAL B 183 2.79 14.49 -13.98
CA VAL B 183 1.57 14.07 -14.69
C VAL B 183 0.55 15.22 -14.67
N PRO B 184 -0.35 15.26 -15.68
CA PRO B 184 -1.44 16.25 -15.68
C PRO B 184 -2.36 16.18 -14.44
N GLU B 185 -2.97 17.32 -14.13
CA GLU B 185 -3.67 17.52 -12.88
C GLU B 185 -4.67 16.46 -12.53
N HIS B 186 -5.38 15.95 -13.53
CA HIS B 186 -6.43 14.96 -13.28
C HIS B 186 -5.88 13.54 -12.95
N ILE B 187 -4.61 13.26 -13.24
CA ILE B 187 -4.07 11.93 -12.95
C ILE B 187 -3.85 11.79 -11.44
N ARG B 188 -4.36 10.70 -10.88
CA ARG B 188 -4.25 10.43 -9.44
C ARG B 188 -3.12 9.45 -9.16
N ILE B 189 -2.17 9.92 -8.36
CA ILE B 189 -0.97 9.15 -7.99
C ILE B 189 -0.90 8.99 -6.49
N HIS B 190 -0.64 7.76 -6.04
CA HIS B 190 -0.17 7.50 -4.67
C HIS B 190 1.31 7.12 -4.79
N HIS B 191 2.19 7.87 -4.13
CA HIS B 191 3.63 7.61 -4.16
C HIS B 191 4.01 6.91 -2.87
N ILE B 192 4.53 5.70 -3.02
CA ILE B 192 5.00 4.92 -1.90
C ILE B 192 6.50 4.59 -2.08
N ASP B 193 7.37 5.46 -1.56
CA ASP B 193 8.80 5.21 -1.55
C ASP B 193 9.16 4.45 -0.27
N LEU B 194 9.54 3.19 -0.42
CA LEU B 194 9.80 2.29 0.71
C LEU B 194 10.89 2.78 1.65
N ALA B 195 11.96 3.33 1.08
CA ALA B 195 13.06 3.94 1.82
C ALA B 195 12.55 5.12 2.64
N VAL B 196 11.71 5.95 2.02
CA VAL B 196 11.22 7.14 2.70
C VAL B 196 10.27 6.75 3.80
N GLU B 197 9.47 5.71 3.58
CA GLU B 197 8.56 5.20 4.63
C GLU B 197 9.34 4.74 5.83
N LEU B 198 10.46 4.06 5.58
CA LEU B 198 11.35 3.67 6.67
C LEU B 198 11.98 4.86 7.36
N GLN B 199 12.37 5.89 6.60
CA GLN B 199 13.01 7.03 7.24
C GLN B 199 11.99 7.84 8.05
N SER B 200 10.74 7.81 7.63
CA SER B 200 9.65 8.44 8.34
C SER B 200 9.41 7.81 9.70
N LEU B 201 9.36 6.48 9.76
CA LEU B 201 9.17 5.75 11.04
C LEU B 201 10.30 6.07 12.04
N VAL B 202 11.53 6.03 11.55
CA VAL B 202 12.73 6.35 12.36
C VAL B 202 12.68 7.79 12.88
N TYR B 203 12.30 8.72 11.99
CA TYR B 203 12.21 10.14 12.36
C TYR B 203 11.19 10.31 13.48
N PHE B 204 10.05 9.67 13.36
CA PHE B 204 8.96 9.92 14.32
C PHE B 204 9.35 9.47 15.71
N LEU B 205 10.03 8.35 15.78
CA LEU B 205 10.47 7.80 17.05
C LEU B 205 11.57 8.63 17.72
N LYS B 206 12.28 9.44 16.94
CA LYS B 206 13.26 10.40 17.47
C LYS B 206 12.56 11.65 17.92
N HIS B 207 11.68 12.14 17.04
CA HIS B 207 11.17 13.51 17.20
C HIS B 207 9.70 13.65 17.60
N TYR B 208 8.95 12.55 17.56
CA TYR B 208 7.50 12.51 17.76
C TYR B 208 6.73 13.52 16.93
N SER B 209 7.21 13.76 15.72
CA SER B 209 6.50 14.48 14.73
C SER B 209 6.80 13.79 13.41
N VAL B 210 5.90 13.99 12.46
CA VAL B 210 5.96 13.33 11.18
C VAL B 210 6.99 14.01 10.26
N LEU B 211 7.80 13.18 9.60
CA LEU B 211 8.79 13.69 8.64
C LEU B 211 8.17 14.47 7.47
N GLU B 212 8.74 15.65 7.18
CA GLU B 212 8.42 16.39 5.96
C GLU B 212 9.22 15.80 4.82
N GLU B 213 8.52 15.30 3.81
CA GLU B 213 9.16 14.60 2.71
C GLU B 213 9.43 15.54 1.54
N ILE B 214 10.23 15.03 0.60
CA ILE B 214 10.70 15.70 -0.64
C ILE B 214 11.86 16.68 -0.42
#